data_7B4U
#
_entry.id   7B4U
#
_cell.length_a   51.120
_cell.length_b   69.290
_cell.length_c   75.280
_cell.angle_alpha   90.000
_cell.angle_beta   90.000
_cell.angle_gamma   90.000
#
_symmetry.space_group_name_H-M   'P 21 21 21'
#
loop_
_entity.id
_entity.type
_entity.pdbx_description
1 polymer 'Broadly neutralizing DARPin bnD.2'
2 polymer 'HIV-1 envelope variable loop 3 crown mimetic peptide V3-IF (BG505)'
3 non-polymer 'CALCIUM ION'
4 water water
#
loop_
_entity_poly.entity_id
_entity_poly.type
_entity_poly.pdbx_seq_one_letter_code
_entity_poly.pdbx_strand_id
1 'polypeptide(L)'
;GPGSDLGKKLLEAARAGQDDEVRILMANGADVNASDADVGATPLHLAAWAGHLEIVEVLLKTGADVNAVDIWGLTPLHLA
AAVGHLEIVEVLLKHGADVNAQDKFGKTPFDLAIDNGNEDIAEVLQKAAKLN
;
A,C
2 'polypeptide(L)' KSIRIGPGQAFYA(DPR)P D,B
#
loop_
_chem_comp.id
_chem_comp.type
_chem_comp.name
_chem_comp.formula
CA non-polymer 'CALCIUM ION' 'Ca 2'
#
# COMPACT_ATOMS: atom_id res chain seq x y z
N GLY A 3 -5.19 3.81 -22.97
CA GLY A 3 -6.62 3.83 -23.14
C GLY A 3 -7.26 2.44 -23.07
N SER A 4 -6.41 1.42 -23.10
CA SER A 4 -6.86 0.04 -23.19
C SER A 4 -6.76 -0.66 -21.83
N ASP A 5 -7.72 -1.56 -21.57
CA ASP A 5 -7.73 -2.38 -20.35
C ASP A 5 -7.71 -1.54 -19.09
N LEU A 6 -8.59 -0.54 -19.04
CA LEU A 6 -8.55 0.41 -17.93
C LEU A 6 -8.91 -0.25 -16.61
N GLY A 7 -9.74 -1.30 -16.64
CA GLY A 7 -10.14 -1.93 -15.40
C GLY A 7 -8.99 -2.69 -14.76
N LYS A 8 -8.23 -3.45 -15.55
CA LYS A 8 -7.02 -4.09 -15.04
C LYS A 8 -6.03 -3.04 -14.55
N LYS A 9 -5.90 -1.92 -15.27
CA LYS A 9 -4.98 -0.88 -14.84
C LYS A 9 -5.43 -0.25 -13.53
N LEU A 10 -6.73 -0.07 -13.37
CA LEU A 10 -7.24 0.51 -12.13
C LEU A 10 -7.05 -0.46 -10.96
N LEU A 11 -7.29 -1.74 -11.17
CA LEU A 11 -6.97 -2.72 -10.13
C LEU A 11 -5.53 -2.63 -9.68
N GLU A 12 -4.60 -2.59 -10.65
CA GLU A 12 -3.18 -2.50 -10.33
C GLU A 12 -2.85 -1.22 -9.58
N ALA A 13 -3.38 -0.07 -10.05
CA ALA A 13 -3.07 1.20 -9.42
C ALA A 13 -3.60 1.25 -8.00
N ALA A 14 -4.78 0.68 -7.76
CA ALA A 14 -5.32 0.64 -6.41
C ALA A 14 -4.47 -0.22 -5.48
N ARG A 15 -4.11 -1.42 -5.95
N ARG A 15 -4.03 -1.39 -5.94
N ARG A 15 -4.07 -1.41 -5.95
CA ARG A 15 -3.17 -2.29 -5.24
CA ARG A 15 -3.22 -2.23 -5.06
CA ARG A 15 -3.19 -2.26 -5.15
C ARG A 15 -1.94 -1.51 -4.83
C ARG A 15 -1.82 -1.65 -4.86
C ARG A 15 -1.90 -1.53 -4.81
N ALA A 16 -1.34 -0.83 -5.78
CA ALA A 16 -0.01 -0.25 -5.67
C ALA A 16 0.03 1.10 -4.97
N GLY A 17 -1.10 1.67 -4.63
CA GLY A 17 -1.09 2.95 -3.98
C GLY A 17 -0.86 4.12 -4.89
N GLN A 18 -1.16 3.97 -6.18
CA GLN A 18 -0.87 5.03 -7.15
C GLN A 18 -2.09 5.93 -7.26
N ASP A 19 -2.24 6.83 -6.28
N ASP A 19 -2.23 6.80 -6.24
CA ASP A 19 -3.49 7.59 -6.21
CA ASP A 19 -3.39 7.69 -6.15
C ASP A 19 -3.63 8.58 -7.36
C ASP A 19 -3.58 8.48 -7.41
N ASP A 20 -2.53 9.17 -7.85
CA ASP A 20 -2.65 10.05 -9.00
C ASP A 20 -3.07 9.26 -10.23
N GLU A 21 -2.51 8.06 -10.39
CA GLU A 21 -2.90 7.22 -11.52
C GLU A 21 -4.35 6.77 -11.42
N VAL A 22 -4.83 6.45 -10.21
CA VAL A 22 -6.25 6.14 -10.02
C VAL A 22 -7.11 7.28 -10.55
N ARG A 23 -6.79 8.51 -10.17
CA ARG A 23 -7.58 9.65 -10.61
C ARG A 23 -7.51 9.80 -12.13
N ILE A 24 -6.33 9.61 -12.72
CA ILE A 24 -6.20 9.69 -14.18
C ILE A 24 -7.04 8.63 -14.87
N LEU A 25 -6.93 7.37 -14.40
CA LEU A 25 -7.68 6.27 -15.01
C LEU A 25 -9.17 6.53 -14.93
N MET A 26 -9.65 7.04 -13.80
N MET A 26 -9.63 7.01 -13.77
CA MET A 26 -11.07 7.28 -13.69
CA MET A 26 -11.04 7.34 -13.59
C MET A 26 -11.52 8.44 -14.57
C MET A 26 -11.47 8.40 -14.60
N ALA A 27 -10.65 9.43 -14.77
CA ALA A 27 -11.01 10.52 -15.69
C ALA A 27 -11.08 10.04 -17.13
N ASN A 28 -10.37 8.97 -17.47
CA ASN A 28 -10.39 8.40 -18.80
C ASN A 28 -11.41 7.27 -18.94
N GLY A 29 -12.28 7.09 -17.95
CA GLY A 29 -13.43 6.22 -18.09
C GLY A 29 -13.33 4.87 -17.41
N ALA A 30 -12.31 4.63 -16.59
CA ALA A 30 -12.15 3.32 -15.99
C ALA A 30 -13.35 2.99 -15.12
N ASP A 31 -13.74 1.72 -15.15
CA ASP A 31 -14.87 1.21 -14.39
C ASP A 31 -14.45 1.03 -12.93
N VAL A 32 -15.04 1.84 -12.05
N VAL A 32 -15.00 1.84 -12.01
CA VAL A 32 -14.75 1.81 -10.62
CA VAL A 32 -14.58 1.70 -10.60
C VAL A 32 -15.07 0.44 -10.02
C VAL A 32 -15.01 0.36 -10.03
N ASN A 33 -15.94 -0.32 -10.69
CA ASN A 33 -16.39 -1.63 -10.25
C ASN A 33 -15.77 -2.74 -11.06
N ALA A 34 -14.63 -2.47 -11.71
CA ALA A 34 -13.87 -3.50 -12.39
C ALA A 34 -13.59 -4.64 -11.44
N SER A 35 -13.63 -5.85 -11.96
CA SER A 35 -13.40 -7.01 -11.12
C SER A 35 -12.36 -7.90 -11.77
N ASP A 36 -11.44 -8.41 -10.95
CA ASP A 36 -10.44 -9.35 -11.40
C ASP A 36 -11.10 -10.58 -12.04
N ALA A 37 -10.58 -10.99 -13.21
CA ALA A 37 -11.24 -12.05 -13.96
C ALA A 37 -11.15 -13.41 -13.28
N ASP A 38 -10.21 -13.59 -12.35
CA ASP A 38 -10.02 -14.89 -11.73
C ASP A 38 -10.63 -14.98 -10.36
N VAL A 39 -10.67 -13.87 -9.61
CA VAL A 39 -11.12 -13.91 -8.22
C VAL A 39 -12.18 -12.88 -7.88
N GLY A 40 -12.54 -11.97 -8.79
CA GLY A 40 -13.65 -11.07 -8.55
C GLY A 40 -13.35 -9.85 -7.70
N ALA A 41 -12.13 -9.67 -7.21
CA ALA A 41 -11.82 -8.53 -6.37
C ALA A 41 -11.89 -7.25 -7.19
N THR A 42 -12.32 -6.19 -6.52
CA THR A 42 -12.48 -4.87 -7.11
C THR A 42 -11.40 -3.94 -6.63
N PRO A 43 -11.28 -2.76 -7.25
CA PRO A 43 -10.28 -1.82 -6.77
C PRO A 43 -10.47 -1.47 -5.31
N LEU A 44 -11.70 -1.38 -4.84
CA LEU A 44 -11.93 -1.04 -3.45
C LEU A 44 -11.43 -2.15 -2.53
N HIS A 45 -11.59 -3.41 -2.91
CA HIS A 45 -11.00 -4.50 -2.12
C HIS A 45 -9.52 -4.27 -1.96
N LEU A 46 -8.82 -3.97 -3.07
CA LEU A 46 -7.37 -3.86 -3.03
C LEU A 46 -6.92 -2.65 -2.23
N ALA A 47 -7.62 -1.52 -2.39
CA ALA A 47 -7.25 -0.31 -1.67
C ALA A 47 -7.49 -0.47 -0.18
N ALA A 48 -8.56 -1.18 0.20
CA ALA A 48 -8.86 -1.43 1.60
C ALA A 48 -7.85 -2.36 2.25
N TRP A 49 -7.50 -3.43 1.55
CA TRP A 49 -6.47 -4.33 2.06
C TRP A 49 -5.14 -3.61 2.20
N ALA A 50 -4.73 -2.89 1.15
CA ALA A 50 -3.40 -2.31 1.11
C ALA A 50 -3.27 -1.04 1.94
N GLY A 51 -4.35 -0.50 2.50
CA GLY A 51 -4.24 0.61 3.41
C GLY A 51 -4.19 1.97 2.76
N HIS A 52 -4.79 2.13 1.59
CA HIS A 52 -4.77 3.39 0.84
C HIS A 52 -6.08 4.15 1.05
N LEU A 53 -6.09 4.96 2.10
CA LEU A 53 -7.30 5.67 2.47
C LEU A 53 -7.76 6.63 1.37
N GLU A 54 -6.85 7.42 0.80
CA GLU A 54 -7.25 8.37 -0.24
C GLU A 54 -7.91 7.63 -1.40
N ILE A 55 -7.36 6.49 -1.77
CA ILE A 55 -7.90 5.74 -2.89
C ILE A 55 -9.26 5.16 -2.53
N VAL A 56 -9.40 4.60 -1.33
CA VAL A 56 -10.72 4.17 -0.84
C VAL A 56 -11.73 5.29 -1.01
N GLU A 57 -11.37 6.51 -0.60
N GLU A 57 -11.36 6.50 -0.58
CA GLU A 57 -12.35 7.60 -0.66
CA GLU A 57 -12.27 7.64 -0.63
C GLU A 57 -12.67 8.01 -2.09
C GLU A 57 -12.71 7.93 -2.06
N VAL A 58 -11.68 7.98 -2.98
N VAL A 58 -11.77 8.00 -2.99
CA VAL A 58 -11.91 8.30 -4.39
CA VAL A 58 -12.14 8.39 -4.35
C VAL A 58 -12.87 7.30 -5.01
C VAL A 58 -12.94 7.29 -5.03
N LEU A 59 -12.64 6.02 -4.73
CA LEU A 59 -13.44 4.96 -5.31
C LEU A 59 -14.87 5.03 -4.79
N LEU A 60 -15.05 5.25 -3.49
CA LEU A 60 -16.40 5.37 -2.95
C LEU A 60 -17.13 6.56 -3.56
N LYS A 61 -16.43 7.69 -3.69
CA LYS A 61 -17.06 8.87 -4.25
C LYS A 61 -17.51 8.67 -5.69
N THR A 62 -16.82 7.82 -6.45
CA THR A 62 -17.17 7.59 -7.84
C THR A 62 -18.07 6.37 -8.03
N GLY A 63 -18.56 5.78 -6.96
CA GLY A 63 -19.61 4.80 -7.02
C GLY A 63 -19.21 3.34 -6.81
N ALA A 64 -18.04 3.07 -6.25
CA ALA A 64 -17.66 1.70 -5.95
C ALA A 64 -18.66 1.07 -4.99
N ASP A 65 -18.99 -0.19 -5.24
CA ASP A 65 -19.89 -0.92 -4.37
C ASP A 65 -19.15 -1.28 -3.10
N VAL A 66 -19.55 -0.67 -1.98
CA VAL A 66 -18.87 -0.85 -0.71
C VAL A 66 -18.90 -2.31 -0.25
N ASN A 67 -19.92 -3.07 -0.66
CA ASN A 67 -20.11 -4.44 -0.21
C ASN A 67 -19.85 -5.48 -1.30
N ALA A 68 -19.09 -5.13 -2.33
CA ALA A 68 -18.66 -6.10 -3.33
C ALA A 68 -17.97 -7.29 -2.67
N VAL A 69 -18.18 -8.48 -3.26
CA VAL A 69 -17.59 -9.72 -2.76
C VAL A 69 -16.66 -10.30 -3.80
N ASP A 70 -15.63 -10.97 -3.32
CA ASP A 70 -14.75 -11.75 -4.17
C ASP A 70 -15.07 -13.24 -4.08
N ILE A 71 -14.23 -14.06 -4.73
CA ILE A 71 -14.50 -15.50 -4.82
C ILE A 71 -14.41 -16.19 -3.47
N TRP A 72 -13.85 -15.53 -2.46
CA TRP A 72 -13.80 -16.09 -1.10
C TRP A 72 -14.86 -15.47 -0.22
N GLY A 73 -15.77 -14.71 -0.79
CA GLY A 73 -16.79 -14.03 0.00
C GLY A 73 -16.30 -12.84 0.77
N LEU A 74 -15.10 -12.38 0.51
CA LEU A 74 -14.57 -11.27 1.28
C LEU A 74 -15.04 -9.95 0.70
N THR A 75 -15.38 -9.01 1.60
CA THR A 75 -15.72 -7.64 1.25
C THR A 75 -14.57 -6.72 1.60
N PRO A 76 -14.62 -5.47 1.13
CA PRO A 76 -13.59 -4.53 1.56
C PRO A 76 -13.50 -4.40 3.07
N LEU A 77 -14.62 -4.43 3.79
CA LEU A 77 -14.56 -4.31 5.24
C LEU A 77 -13.84 -5.49 5.87
N HIS A 78 -14.06 -6.72 5.34
CA HIS A 78 -13.30 -7.87 5.85
C HIS A 78 -11.82 -7.60 5.77
N LEU A 79 -11.37 -7.11 4.62
CA LEU A 79 -9.95 -6.93 4.36
C LEU A 79 -9.35 -5.86 5.23
N ALA A 80 -10.02 -4.73 5.39
CA ALA A 80 -9.49 -3.68 6.25
C ALA A 80 -9.50 -4.09 7.71
N ALA A 81 -10.49 -4.89 8.12
CA ALA A 81 -10.55 -5.37 9.50
C ALA A 81 -9.45 -6.38 9.80
N ALA A 82 -9.11 -7.22 8.82
CA ALA A 82 -8.04 -8.21 8.98
C ALA A 82 -6.68 -7.55 9.08
N VAL A 83 -6.37 -6.64 8.16
CA VAL A 83 -5.05 -6.00 8.19
C VAL A 83 -4.96 -5.04 9.36
N GLY A 84 -6.07 -4.38 9.70
CA GLY A 84 -6.13 -3.54 10.87
C GLY A 84 -6.04 -2.05 10.58
N HIS A 85 -6.71 -1.59 9.52
CA HIS A 85 -6.71 -0.17 9.15
C HIS A 85 -7.97 0.48 9.74
N LEU A 86 -7.84 1.07 10.91
CA LEU A 86 -9.01 1.59 11.62
C LEU A 86 -9.71 2.70 10.84
N GLU A 87 -8.97 3.67 10.32
N GLU A 87 -8.97 3.67 10.31
CA GLU A 87 -9.61 4.77 9.61
CA GLU A 87 -9.61 4.77 9.64
C GLU A 87 -10.37 4.26 8.40
C GLU A 87 -10.34 4.29 8.38
N ILE A 88 -9.80 3.30 7.68
CA ILE A 88 -10.51 2.74 6.53
C ILE A 88 -11.77 2.02 6.98
N VAL A 89 -11.67 1.21 8.05
CA VAL A 89 -12.87 0.58 8.62
C VAL A 89 -13.96 1.63 8.88
N GLU A 90 -13.59 2.73 9.53
CA GLU A 90 -14.57 3.76 9.85
C GLU A 90 -15.18 4.36 8.59
N VAL A 91 -14.37 4.65 7.56
CA VAL A 91 -14.91 5.21 6.32
C VAL A 91 -15.83 4.21 5.65
N LEU A 92 -15.45 2.94 5.61
CA LEU A 92 -16.32 1.96 4.98
C LEU A 92 -17.64 1.85 5.71
N LEU A 93 -17.63 1.83 7.04
CA LEU A 93 -18.87 1.77 7.80
C LEU A 93 -19.73 2.99 7.52
N LYS A 94 -19.12 4.17 7.45
CA LYS A 94 -19.87 5.38 7.16
C LYS A 94 -20.55 5.33 5.79
N HIS A 95 -19.97 4.58 4.85
CA HIS A 95 -20.49 4.44 3.50
C HIS A 95 -21.32 3.18 3.33
N GLY A 96 -21.78 2.61 4.45
CA GLY A 96 -22.75 1.54 4.37
C GLY A 96 -22.20 0.13 4.33
N ALA A 97 -20.94 -0.06 4.68
CA ALA A 97 -20.40 -1.41 4.71
C ALA A 97 -21.21 -2.31 5.64
N ASP A 98 -21.37 -3.55 5.23
CA ASP A 98 -22.20 -4.53 5.92
C ASP A 98 -21.39 -5.25 7.00
N VAL A 99 -21.64 -4.88 8.25
N VAL A 99 -21.62 -4.89 8.27
CA VAL A 99 -20.94 -5.47 9.37
CA VAL A 99 -20.88 -5.54 9.34
C VAL A 99 -21.29 -6.95 9.55
C VAL A 99 -21.23 -7.01 9.47
N ASN A 100 -22.39 -7.43 8.96
CA ASN A 100 -22.84 -8.80 9.14
C ASN A 100 -22.43 -9.71 7.99
N ALA A 101 -21.72 -9.17 7.01
CA ALA A 101 -21.32 -9.97 5.86
C ALA A 101 -20.41 -11.14 6.27
N GLN A 102 -20.74 -12.32 5.77
N GLN A 102 -20.72 -12.32 5.75
CA GLN A 102 -19.98 -13.53 6.05
CA GLN A 102 -19.97 -13.52 6.06
C GLN A 102 -19.23 -13.93 4.79
C GLN A 102 -19.25 -13.98 4.81
N ASP A 103 -17.97 -14.32 4.97
CA ASP A 103 -17.19 -14.88 3.87
C ASP A 103 -17.60 -16.34 3.66
N LYS A 104 -16.90 -17.03 2.75
CA LYS A 104 -17.29 -18.39 2.41
C LYS A 104 -17.15 -19.36 3.58
N PHE A 105 -16.44 -18.98 4.64
CA PHE A 105 -16.26 -19.79 5.83
C PHE A 105 -17.11 -19.29 6.98
N GLY A 106 -18.04 -18.40 6.72
CA GLY A 106 -18.90 -17.88 7.76
C GLY A 106 -18.33 -16.75 8.58
N LYS A 107 -17.17 -16.23 8.23
CA LYS A 107 -16.49 -15.27 9.07
C LYS A 107 -16.92 -13.85 8.72
N THR A 108 -17.22 -13.06 9.75
CA THR A 108 -17.52 -11.65 9.60
C THR A 108 -16.24 -10.83 9.67
N PRO A 109 -16.33 -9.55 9.32
CA PRO A 109 -15.19 -8.67 9.59
C PRO A 109 -14.75 -8.68 11.04
N PHE A 110 -15.68 -8.69 11.99
CA PHE A 110 -15.34 -8.84 13.40
C PHE A 110 -14.46 -10.05 13.65
N ASP A 111 -14.83 -11.22 13.08
CA ASP A 111 -14.05 -12.42 13.32
C ASP A 111 -12.61 -12.25 12.86
N LEU A 112 -12.42 -11.60 11.69
CA LEU A 112 -11.08 -11.34 11.17
C LEU A 112 -10.32 -10.36 12.04
N ALA A 113 -10.99 -9.34 12.56
CA ALA A 113 -10.31 -8.41 13.47
C ALA A 113 -9.85 -9.13 14.73
N ILE A 114 -10.72 -9.96 15.30
CA ILE A 114 -10.38 -10.74 16.48
C ILE A 114 -9.16 -11.61 16.19
N ASP A 115 -9.22 -12.34 15.08
CA ASP A 115 -8.18 -13.33 14.78
C ASP A 115 -6.83 -12.66 14.52
N ASN A 116 -6.84 -11.41 14.08
CA ASN A 116 -5.61 -10.68 13.77
C ASN A 116 -5.19 -9.73 14.88
N GLY A 117 -5.79 -9.80 16.05
CA GLY A 117 -5.32 -8.99 17.16
C GLY A 117 -5.64 -7.53 17.00
N ASN A 118 -6.72 -7.22 16.31
CA ASN A 118 -7.12 -5.84 16.08
C ASN A 118 -8.32 -5.52 16.96
N GLU A 119 -8.07 -5.42 18.27
N GLU A 119 -8.09 -5.43 18.27
CA GLU A 119 -9.16 -5.37 19.24
CA GLU A 119 -9.22 -5.37 19.20
C GLU A 119 -9.95 -4.07 19.14
C GLU A 119 -9.98 -4.06 19.05
N ASP A 120 -9.28 -2.95 18.80
CA ASP A 120 -9.97 -1.67 18.70
C ASP A 120 -10.96 -1.71 17.55
N ILE A 121 -10.54 -2.27 16.41
CA ILE A 121 -11.47 -2.44 15.30
C ILE A 121 -12.59 -3.40 15.67
N ALA A 122 -12.28 -4.51 16.36
CA ALA A 122 -13.32 -5.44 16.72
C ALA A 122 -14.40 -4.76 17.57
N GLU A 123 -13.99 -3.88 18.48
CA GLU A 123 -14.93 -3.14 19.31
C GLU A 123 -15.80 -2.22 18.47
N VAL A 124 -15.20 -1.52 17.50
CA VAL A 124 -15.97 -0.69 16.58
C VAL A 124 -17.01 -1.54 15.86
N LEU A 125 -16.61 -2.69 15.37
CA LEU A 125 -17.51 -3.53 14.58
C LEU A 125 -18.61 -4.12 15.44
N GLN A 126 -18.28 -4.50 16.68
CA GLN A 126 -19.30 -5.04 17.58
C GLN A 126 -20.35 -3.99 17.89
N LYS A 127 -19.91 -2.75 18.10
CA LYS A 127 -20.87 -1.70 18.40
C LYS A 127 -21.73 -1.38 17.19
N ALA A 128 -21.15 -1.45 16.00
CA ALA A 128 -21.92 -1.17 14.79
C ALA A 128 -22.95 -2.25 14.51
N ALA A 129 -22.65 -3.49 14.91
CA ALA A 129 -23.59 -4.58 14.70
C ALA A 129 -24.80 -4.51 15.62
N LYS A 130 -24.72 -3.77 16.73
CA LYS A 130 -25.91 -3.50 17.51
C LYS A 130 -26.80 -2.46 16.84
N LEU A 131 -26.23 -1.68 15.92
CA LEU A 131 -26.95 -0.62 15.22
C LEU A 131 -27.20 0.54 16.18
N SER B 4 15.41 -6.36 15.44
CA SER B 4 15.60 -7.79 15.59
C SER B 4 14.28 -8.51 15.35
N ASP B 5 13.64 -8.98 16.43
CA ASP B 5 12.25 -9.40 16.33
C ASP B 5 11.36 -8.22 16.02
N LEU B 6 11.56 -7.10 16.73
CA LEU B 6 10.80 -5.90 16.45
C LEU B 6 11.14 -5.37 15.07
N GLY B 7 12.36 -5.61 14.59
CA GLY B 7 12.73 -5.15 13.27
C GLY B 7 11.95 -5.84 12.17
N LYS B 8 11.80 -7.16 12.28
CA LYS B 8 10.99 -7.89 11.31
C LYS B 8 9.53 -7.45 11.38
N LYS B 9 9.02 -7.19 12.59
CA LYS B 9 7.66 -6.71 12.70
C LYS B 9 7.48 -5.34 12.06
N LEU B 10 8.50 -4.50 12.18
CA LEU B 10 8.42 -3.17 11.60
C LEU B 10 8.48 -3.22 10.07
N LEU B 11 9.35 -4.06 9.49
CA LEU B 11 9.34 -4.26 8.06
C LEU B 11 7.96 -4.67 7.57
N GLU B 12 7.34 -5.59 8.28
CA GLU B 12 6.03 -6.09 7.88
C GLU B 12 4.98 -5.00 7.95
N ALA B 13 4.97 -4.24 9.05
CA ALA B 13 3.96 -3.21 9.21
C ALA B 13 4.15 -2.10 8.18
N ALA B 14 5.40 -1.78 7.84
CA ALA B 14 5.62 -0.74 6.84
C ALA B 14 5.14 -1.20 5.47
N ARG B 15 5.43 -2.45 5.10
CA ARG B 15 4.95 -3.03 3.86
C ARG B 15 3.43 -2.96 3.79
N ALA B 16 2.77 -3.35 4.89
CA ALA B 16 1.34 -3.55 4.93
C ALA B 16 0.55 -2.27 5.07
N GLY B 17 1.22 -1.14 5.29
CA GLY B 17 0.52 0.11 5.47
C GLY B 17 -0.13 0.27 6.82
N GLN B 18 0.39 -0.42 7.84
CA GLN B 18 -0.22 -0.40 9.16
C GLN B 18 0.41 0.75 9.95
N ASP B 19 -0.09 1.95 9.69
N ASP B 19 -0.07 1.97 9.71
CA ASP B 19 0.48 3.18 10.27
CA ASP B 19 0.62 3.12 10.29
C ASP B 19 0.50 3.12 11.78
C ASP B 19 0.50 3.15 11.81
N ASP B 20 -0.62 2.70 12.39
CA ASP B 20 -0.73 2.65 13.84
C ASP B 20 0.24 1.63 14.41
N GLU B 21 0.40 0.49 13.74
CA GLU B 21 1.35 -0.51 14.20
C GLU B 21 2.77 -0.02 14.09
N VAL B 22 3.12 0.65 12.99
CA VAL B 22 4.44 1.27 12.88
C VAL B 22 4.72 2.16 14.10
N ARG B 23 3.75 3.00 14.46
CA ARG B 23 3.95 3.89 15.60
C ARG B 23 4.12 3.12 16.90
N ILE B 24 3.31 2.08 17.11
CA ILE B 24 3.47 1.26 18.31
C ILE B 24 4.86 0.64 18.37
N LEU B 25 5.32 0.07 17.25
CA LEU B 25 6.60 -0.63 17.25
C LEU B 25 7.74 0.34 17.50
N MET B 26 7.67 1.54 16.93
N MET B 26 7.67 1.53 16.89
CA MET B 26 8.72 2.51 17.16
CA MET B 26 8.69 2.54 17.14
C MET B 26 8.68 3.04 18.58
C MET B 26 8.68 2.97 18.60
N ALA B 27 7.50 3.13 19.19
CA ALA B 27 7.42 3.53 20.60
C ALA B 27 8.01 2.45 21.49
N ASN B 28 8.01 1.21 21.04
CA ASN B 28 8.58 0.08 21.77
C ASN B 28 10.02 -0.23 21.39
N GLY B 29 10.68 0.66 20.66
CA GLY B 29 12.10 0.55 20.43
C GLY B 29 12.52 -0.13 19.13
N ALA B 30 11.59 -0.39 18.22
CA ALA B 30 11.97 -1.05 16.97
C ALA B 30 13.01 -0.22 16.24
N ASP B 31 13.96 -0.92 15.61
CA ASP B 31 15.05 -0.30 14.87
C ASP B 31 14.50 0.20 13.54
N VAL B 32 14.46 1.52 13.38
CA VAL B 32 13.97 2.15 12.16
C VAL B 32 14.80 1.77 10.95
N ASN B 33 16.04 1.34 11.17
CA ASN B 33 16.96 0.96 10.11
C ASN B 33 17.11 -0.55 10.02
N ALA B 34 16.15 -1.29 10.56
CA ALA B 34 16.10 -2.72 10.35
C ALA B 34 16.19 -3.03 8.87
N SER B 35 16.76 -4.17 8.55
CA SER B 35 16.91 -4.56 7.16
C SER B 35 16.54 -6.01 7.00
N ASP B 36 15.84 -6.29 5.93
CA ASP B 36 15.47 -7.65 5.60
C ASP B 36 16.73 -8.51 5.49
N ALA B 37 16.69 -9.65 6.15
CA ALA B 37 17.91 -10.43 6.30
C ALA B 37 18.44 -10.98 4.99
N ASP B 38 17.58 -11.13 3.98
CA ASP B 38 17.99 -11.67 2.69
C ASP B 38 18.26 -10.60 1.63
N VAL B 39 17.50 -9.51 1.61
CA VAL B 39 17.57 -8.56 0.50
C VAL B 39 17.91 -7.15 0.93
N GLY B 40 18.04 -6.88 2.23
CA GLY B 40 18.52 -5.59 2.69
C GLY B 40 17.53 -4.44 2.62
N ALA B 41 16.28 -4.68 2.21
CA ALA B 41 15.28 -3.63 2.21
C ALA B 41 14.99 -3.18 3.63
N THR B 42 14.80 -1.87 3.80
CA THR B 42 14.48 -1.27 5.09
C THR B 42 13.03 -0.88 5.14
N PRO B 43 12.50 -0.58 6.33
CA PRO B 43 11.10 -0.10 6.37
C PRO B 43 10.84 1.07 5.43
N LEU B 44 11.81 1.97 5.28
CA LEU B 44 11.64 3.10 4.37
C LEU B 44 11.55 2.66 2.92
N HIS B 45 12.35 1.68 2.50
CA HIS B 45 12.19 1.13 1.14
C HIS B 45 10.77 0.62 0.95
N LEU B 46 10.28 -0.18 1.90
CA LEU B 46 8.98 -0.81 1.74
C LEU B 46 7.86 0.22 1.70
N ALA B 47 7.91 1.21 2.59
CA ALA B 47 6.85 2.21 2.60
C ALA B 47 6.91 3.10 1.36
N ALA B 48 8.12 3.39 0.89
CA ALA B 48 8.29 4.20 -0.31
C ALA B 48 7.74 3.49 -1.54
N TRP B 49 8.05 2.20 -1.69
CA TRP B 49 7.51 1.42 -2.80
C TRP B 49 5.99 1.33 -2.73
N ALA B 50 5.45 1.00 -1.55
CA ALA B 50 4.04 0.70 -1.40
C ALA B 50 3.19 1.95 -1.34
N GLY B 51 3.77 3.13 -1.27
CA GLY B 51 2.98 4.33 -1.32
C GLY B 51 2.42 4.80 0.00
N HIS B 52 3.09 4.52 1.11
CA HIS B 52 2.59 4.91 2.44
C HIS B 52 3.32 6.17 2.91
N LEU B 53 2.77 7.32 2.52
CA LEU B 53 3.44 8.60 2.78
C LEU B 53 3.55 8.86 4.28
N GLU B 54 2.48 8.59 5.03
CA GLU B 54 2.53 8.86 6.46
C GLU B 54 3.63 8.03 7.12
N ILE B 55 3.78 6.78 6.70
CA ILE B 55 4.82 5.93 7.27
C ILE B 55 6.21 6.41 6.85
N VAL B 56 6.37 6.80 5.58
CA VAL B 56 7.64 7.37 5.14
C VAL B 56 8.00 8.55 6.05
N GLU B 57 7.03 9.42 6.34
CA GLU B 57 7.31 10.61 7.14
C GLU B 57 7.71 10.23 8.57
N VAL B 58 7.01 9.26 9.16
CA VAL B 58 7.30 8.86 10.52
C VAL B 58 8.69 8.26 10.61
N LEU B 59 9.04 7.41 9.64
CA LEU B 59 10.36 6.79 9.63
C LEU B 59 11.47 7.82 9.47
N LEU B 60 11.31 8.74 8.52
CA LEU B 60 12.34 9.76 8.33
C LEU B 60 12.50 10.62 9.57
N LYS B 61 11.39 10.98 10.22
CA LYS B 61 11.45 11.81 11.40
C LYS B 61 12.11 11.10 12.58
N THR B 62 12.16 9.77 12.57
CA THR B 62 12.77 9.03 13.66
C THR B 62 14.09 8.37 13.25
N GLY B 63 14.74 8.88 12.21
CA GLY B 63 16.13 8.54 11.94
C GLY B 63 16.38 7.57 10.80
N ALA B 64 15.37 7.17 10.04
CA ALA B 64 15.58 6.25 8.94
C ALA B 64 16.61 6.82 7.97
N ASP B 65 17.51 5.95 7.51
CA ASP B 65 18.54 6.33 6.54
C ASP B 65 17.89 6.52 5.17
N VAL B 66 17.81 7.77 4.72
CA VAL B 66 17.12 8.11 3.48
C VAL B 66 17.79 7.49 2.27
N ASN B 67 19.09 7.21 2.36
CA ASN B 67 19.86 6.68 1.24
C ASN B 67 20.26 5.22 1.41
N ALA B 68 19.54 4.48 2.26
CA ALA B 68 19.81 3.06 2.40
C ALA B 68 19.69 2.36 1.05
N VAL B 69 20.50 1.32 0.87
CA VAL B 69 20.48 0.52 -0.36
C VAL B 69 20.17 -0.93 -0.03
N ASP B 70 19.41 -1.57 -0.89
CA ASP B 70 19.11 -2.99 -0.80
C ASP B 70 20.17 -3.76 -1.61
N ILE B 71 20.00 -5.09 -1.71
N ILE B 71 19.98 -5.07 -1.73
CA ILE B 71 21.02 -5.91 -2.36
CA ILE B 71 20.99 -5.92 -2.35
C ILE B 71 21.15 -5.64 -3.85
C ILE B 71 21.15 -5.65 -3.84
N TRP B 72 20.16 -5.00 -4.48
CA TRP B 72 20.25 -4.62 -5.88
C TRP B 72 20.72 -3.18 -6.04
N GLY B 73 21.10 -2.52 -4.95
CA GLY B 73 21.53 -1.14 -5.10
C GLY B 73 20.40 -0.12 -5.13
N LEU B 74 19.16 -0.53 -4.88
CA LEU B 74 18.05 0.40 -4.95
C LEU B 74 17.91 1.17 -3.64
N THR B 75 17.67 2.47 -3.75
CA THR B 75 17.33 3.33 -2.63
C THR B 75 15.83 3.53 -2.57
N PRO B 76 15.32 4.09 -1.46
CA PRO B 76 13.89 4.43 -1.41
C PRO B 76 13.46 5.37 -2.53
N LEU B 77 14.31 6.36 -2.89
CA LEU B 77 13.99 7.26 -4.00
C LEU B 77 13.82 6.50 -5.32
N HIS B 78 14.67 5.49 -5.59
CA HIS B 78 14.47 4.69 -6.78
C HIS B 78 13.06 4.09 -6.80
N LEU B 79 12.67 3.50 -5.68
CA LEU B 79 11.39 2.79 -5.63
C LEU B 79 10.21 3.73 -5.79
N ALA B 80 10.21 4.86 -5.09
CA ALA B 80 9.13 5.82 -5.21
C ALA B 80 9.06 6.40 -6.61
N ALA B 81 10.21 6.66 -7.23
CA ALA B 81 10.25 7.21 -8.58
C ALA B 81 9.72 6.21 -9.60
N ALA B 82 9.99 4.91 -9.39
CA ALA B 82 9.53 3.89 -10.34
C ALA B 82 8.03 3.66 -10.25
N VAL B 83 7.49 3.53 -9.03
CA VAL B 83 6.06 3.29 -8.90
C VAL B 83 5.29 4.56 -9.22
N GLY B 84 5.88 5.72 -8.91
CA GLY B 84 5.31 6.98 -9.29
C GLY B 84 4.61 7.73 -8.18
N HIS B 85 5.17 7.76 -6.97
CA HIS B 85 4.54 8.43 -5.84
C HIS B 85 5.20 9.81 -5.68
N LEU B 86 4.59 10.83 -6.25
CA LEU B 86 5.24 12.15 -6.29
C LEU B 86 5.48 12.71 -4.89
N GLU B 87 4.48 12.67 -4.02
CA GLU B 87 4.66 13.28 -2.69
C GLU B 87 5.77 12.57 -1.92
N ILE B 88 5.90 11.25 -2.09
CA ILE B 88 6.99 10.52 -1.44
C ILE B 88 8.33 10.92 -2.04
N VAL B 89 8.41 11.01 -3.37
CA VAL B 89 9.64 11.54 -3.99
C VAL B 89 10.02 12.86 -3.35
N GLU B 90 9.05 13.76 -3.20
CA GLU B 90 9.36 15.09 -2.70
C GLU B 90 9.86 15.04 -1.24
N VAL B 91 9.21 14.25 -0.40
N VAL B 91 9.24 14.22 -0.40
CA VAL B 91 9.66 14.12 0.99
CA VAL B 91 9.69 14.19 0.98
C VAL B 91 11.08 13.57 1.03
C VAL B 91 11.04 13.49 1.12
N LEU B 92 11.32 12.48 0.29
CA LEU B 92 12.66 11.88 0.29
C LEU B 92 13.71 12.91 -0.11
N LEU B 93 13.44 13.68 -1.17
CA LEU B 93 14.38 14.72 -1.58
C LEU B 93 14.58 15.75 -0.48
N LYS B 94 13.49 16.11 0.21
CA LYS B 94 13.59 17.09 1.30
C LYS B 94 14.52 16.60 2.39
N HIS B 95 14.54 15.28 2.64
CA HIS B 95 15.38 14.69 3.68
C HIS B 95 16.74 14.21 3.17
N GLY B 96 17.16 14.64 1.97
CA GLY B 96 18.52 14.43 1.53
C GLY B 96 18.74 13.22 0.66
N ALA B 97 17.68 12.62 0.10
CA ALA B 97 17.88 11.53 -0.83
C ALA B 97 18.81 11.96 -1.96
N ASP B 98 19.68 11.04 -2.36
CA ASP B 98 20.66 11.31 -3.42
C ASP B 98 20.00 11.08 -4.77
N VAL B 99 19.73 12.17 -5.51
N VAL B 99 19.75 12.17 -5.51
CA VAL B 99 19.09 12.06 -6.81
CA VAL B 99 19.09 12.09 -6.80
C VAL B 99 19.93 11.23 -7.78
C VAL B 99 19.93 11.38 -7.85
N ASN B 100 21.24 11.29 -7.64
CA ASN B 100 22.15 10.67 -8.61
C ASN B 100 22.45 9.22 -8.28
N ALA B 101 21.86 8.68 -7.23
CA ALA B 101 22.12 7.32 -6.81
C ALA B 101 21.92 6.36 -7.97
N GLN B 102 22.91 5.46 -8.13
CA GLN B 102 22.82 4.42 -9.13
C GLN B 102 22.69 3.07 -8.46
N ASP B 103 21.83 2.23 -9.03
CA ASP B 103 21.71 0.84 -8.59
C ASP B 103 22.79 -0.01 -9.27
N LYS B 104 22.70 -1.32 -9.10
CA LYS B 104 23.76 -2.17 -9.65
C LYS B 104 23.79 -2.21 -11.16
N PHE B 105 22.77 -1.70 -11.84
CA PHE B 105 22.76 -1.58 -13.29
C PHE B 105 23.08 -0.17 -13.74
N GLY B 106 23.50 0.70 -12.83
CA GLY B 106 23.81 2.06 -13.23
C GLY B 106 22.63 2.97 -13.38
N LYS B 107 21.45 2.55 -12.95
CA LYS B 107 20.22 3.29 -13.19
C LYS B 107 19.94 4.21 -12.01
N THR B 108 19.46 5.41 -12.33
CA THR B 108 19.11 6.41 -11.33
C THR B 108 17.61 6.41 -11.12
N PRO B 109 17.16 7.09 -10.08
CA PRO B 109 15.71 7.29 -9.95
C PRO B 109 15.09 7.94 -11.18
N PHE B 110 15.76 8.90 -11.80
CA PHE B 110 15.27 9.49 -13.04
C PHE B 110 15.08 8.42 -14.13
N ASP B 111 16.07 7.53 -14.30
CA ASP B 111 15.97 6.50 -15.31
C ASP B 111 14.73 5.65 -15.08
N LEU B 112 14.49 5.27 -13.82
CA LEU B 112 13.32 4.45 -13.52
C LEU B 112 12.03 5.22 -13.70
N ALA B 113 12.01 6.52 -13.36
CA ALA B 113 10.81 7.29 -13.59
C ALA B 113 10.49 7.37 -15.08
N ILE B 114 11.50 7.64 -15.91
CA ILE B 114 11.27 7.69 -17.35
C ILE B 114 10.75 6.35 -17.84
N ASP B 115 11.41 5.25 -17.46
CA ASP B 115 11.03 3.95 -18.01
C ASP B 115 9.61 3.58 -17.62
N ASN B 116 9.16 4.03 -16.45
CA ASN B 116 7.84 3.71 -15.96
C ASN B 116 6.80 4.75 -16.32
N GLY B 117 7.14 5.71 -17.17
CA GLY B 117 6.13 6.65 -17.64
C GLY B 117 5.71 7.69 -16.63
N ASN B 118 6.59 8.07 -15.70
CA ASN B 118 6.29 9.05 -14.66
C ASN B 118 7.02 10.33 -14.99
N GLU B 119 6.47 11.04 -16.00
CA GLU B 119 7.15 12.20 -16.57
C GLU B 119 7.26 13.32 -15.56
N ASP B 120 6.21 13.53 -14.76
CA ASP B 120 6.24 14.62 -13.81
C ASP B 120 7.31 14.40 -12.75
N ILE B 121 7.41 13.17 -12.24
CA ILE B 121 8.49 12.86 -11.30
C ILE B 121 9.84 12.99 -11.97
N ALA B 122 9.94 12.59 -13.24
CA ALA B 122 11.22 12.70 -13.91
C ALA B 122 11.65 14.16 -13.99
N GLU B 123 10.71 15.06 -14.26
CA GLU B 123 11.04 16.48 -14.33
C GLU B 123 11.53 16.99 -12.98
N VAL B 124 10.87 16.58 -11.90
CA VAL B 124 11.27 16.97 -10.55
C VAL B 124 12.69 16.50 -10.25
N LEU B 125 13.00 15.25 -10.60
CA LEU B 125 14.33 14.73 -10.35
C LEU B 125 15.38 15.45 -11.20
N GLN B 126 15.03 15.78 -12.44
CA GLN B 126 15.94 16.56 -13.28
C GLN B 126 16.26 17.88 -12.63
N LYS B 127 15.24 18.58 -12.13
CA LYS B 127 15.47 19.87 -11.49
C LYS B 127 16.34 19.71 -10.25
N ALA B 128 16.13 18.63 -9.49
CA ALA B 128 16.91 18.42 -8.27
C ALA B 128 18.36 18.06 -8.57
N ALA B 129 18.62 17.42 -9.71
CA ALA B 129 19.98 17.05 -10.08
C ALA B 129 20.84 18.23 -10.44
N LYS B 130 20.25 19.41 -10.61
CA LYS B 130 21.05 20.60 -10.85
C LYS B 130 21.59 21.14 -9.53
N LEU B 131 20.69 21.64 -8.69
CA LEU B 131 21.05 22.36 -7.48
C LEU B 131 22.30 23.24 -7.66
N LYS C 1 2.92 -5.57 -10.88
CA LYS C 1 3.81 -6.25 -11.81
C LYS C 1 4.18 -5.38 -13.00
N SER C 2 3.46 -4.28 -13.19
CA SER C 2 3.70 -3.36 -14.31
C SER C 2 4.94 -2.50 -14.10
N ILE C 3 5.45 -2.41 -12.89
CA ILE C 3 6.53 -1.48 -12.59
C ILE C 3 7.85 -2.17 -12.85
N ARG C 4 8.71 -1.50 -13.61
CA ARG C 4 9.98 -2.08 -14.02
C ARG C 4 11.12 -1.51 -13.18
N ILE C 5 11.76 -2.37 -12.37
CA ILE C 5 12.90 -1.95 -11.55
C ILE C 5 14.07 -2.91 -11.62
N GLY C 6 14.02 -3.94 -12.45
CA GLY C 6 15.06 -4.94 -12.50
C GLY C 6 14.75 -6.10 -11.57
N PRO C 7 15.77 -6.91 -11.23
CA PRO C 7 15.52 -8.14 -10.46
C PRO C 7 14.87 -7.91 -9.11
N GLY C 8 15.04 -6.75 -8.50
CA GLY C 8 14.35 -6.47 -7.24
C GLY C 8 12.84 -6.57 -7.33
N GLN C 9 12.29 -6.54 -8.55
N GLN C 9 12.30 -6.32 -8.51
CA GLN C 9 10.84 -6.65 -8.66
CA GLN C 9 10.98 -6.77 -8.96
C GLN C 9 10.35 -8.02 -8.18
C GLN C 9 10.46 -7.95 -8.14
N ALA C 10 11.22 -9.04 -8.15
CA ALA C 10 10.79 -10.32 -7.61
C ALA C 10 10.47 -10.25 -6.13
N PHE C 11 11.11 -9.31 -5.41
CA PHE C 11 10.85 -9.11 -4.00
C PHE C 11 9.77 -8.06 -3.76
N TYR C 12 9.82 -6.95 -4.48
CA TYR C 12 8.93 -5.82 -4.18
C TYR C 12 7.54 -5.95 -4.80
N ALA C 13 7.41 -6.54 -5.98
CA ALA C 13 6.06 -6.57 -6.58
C ALA C 13 5.10 -7.43 -5.76
N DPR C 14 3.87 -6.94 -5.49
CA DPR C 14 3.35 -5.58 -5.77
CB DPR C 14 2.07 -5.50 -4.91
CG DPR C 14 2.03 -6.76 -4.10
CD DPR C 14 2.87 -7.76 -4.80
C DPR C 14 3.00 -5.42 -7.23
O DPR C 14 2.72 -6.42 -7.89
HA DPR C 14 3.99 -4.91 -5.49
HB2 DPR C 14 1.30 -5.43 -5.49
HB3 DPR C 14 2.13 -4.73 -4.32
HG2 DPR C 14 1.11 -7.07 -4.04
HG3 DPR C 14 2.39 -6.59 -3.22
HD2 DPR C 14 3.29 -8.35 -4.16
HD3 DPR C 14 2.34 -8.25 -5.45
N PRO C 15 3.02 -4.18 -7.74
CA PRO C 15 2.55 -3.97 -9.12
C PRO C 15 3.50 -4.56 -10.18
N LYS D 1 2.27 -11.33 4.80
CA LYS D 1 1.97 -12.73 5.01
C LYS D 1 1.48 -13.03 6.42
N SER D 2 1.71 -12.10 7.34
CA SER D 2 1.31 -12.26 8.74
C SER D 2 -0.18 -12.07 8.95
N ILE D 3 -0.88 -11.52 7.97
CA ILE D 3 -2.32 -11.32 8.12
C ILE D 3 -3.04 -12.64 7.88
N ARG D 4 -3.86 -13.03 8.87
CA ARG D 4 -4.69 -14.22 8.81
C ARG D 4 -5.97 -13.91 8.04
N ILE D 5 -6.00 -14.33 6.79
CA ILE D 5 -7.12 -14.04 5.89
C ILE D 5 -7.68 -15.29 5.23
N GLY D 6 -6.99 -16.42 5.26
CA GLY D 6 -7.49 -17.65 4.66
C GLY D 6 -6.99 -17.78 3.24
N PRO D 7 -7.67 -18.64 2.46
CA PRO D 7 -7.15 -18.97 1.12
C PRO D 7 -6.98 -17.76 0.23
N GLY D 8 -7.73 -16.70 0.48
CA GLY D 8 -7.59 -15.48 -0.32
C GLY D 8 -6.23 -14.81 -0.21
N GLN D 9 -5.39 -15.22 0.74
CA GLN D 9 -4.05 -14.68 0.80
C GLN D 9 -3.35 -14.83 -0.53
N ALA D 10 -3.69 -15.86 -1.30
CA ALA D 10 -2.99 -16.11 -2.55
C ALA D 10 -3.12 -14.94 -3.51
N PHE D 11 -4.19 -14.18 -3.41
CA PHE D 11 -4.38 -13.00 -4.23
C PHE D 11 -3.92 -11.73 -3.54
N TYR D 12 -4.21 -11.58 -2.24
CA TYR D 12 -4.01 -10.29 -1.59
C TYR D 12 -2.60 -10.10 -1.01
N ALA D 13 -1.95 -11.17 -0.53
CA ALA D 13 -0.68 -10.98 0.15
C ALA D 13 0.40 -10.56 -0.85
N DPR D 14 1.13 -9.47 -0.56
CA DPR D 14 0.98 -8.56 0.59
CB DPR D 14 1.82 -7.36 0.19
CG DPR D 14 2.91 -7.95 -0.61
CD DPR D 14 2.22 -9.02 -1.43
C DPR D 14 1.52 -9.16 1.90
O DPR D 14 2.30 -10.11 1.83
HA DPR D 14 0.05 -8.30 0.71
HB2 DPR D 14 2.17 -6.92 0.99
HB3 DPR D 14 1.29 -6.75 -0.34
HG2 DPR D 14 3.57 -8.35 -0.02
HG3 DPR D 14 3.31 -7.28 -1.18
HD2 DPR D 14 1.86 -8.63 -2.25
HD3 DPR D 14 2.83 -9.74 -1.63
N PRO D 15 1.14 -8.60 3.04
CA PRO D 15 1.67 -9.08 4.33
C PRO D 15 1.25 -10.52 4.64
CA CA E . -2.54 -5.71 17.41
CA CA F . 2.16 7.50 -16.57
#